data_6KPB
#
_entry.id   6KPB
#
_cell.length_a   112.037
_cell.length_b   112.037
_cell.length_c   70.979
_cell.angle_alpha   90.000
_cell.angle_beta   90.000
_cell.angle_gamma   120.000
#
_symmetry.space_group_name_H-M   'P 32 2 1'
#
loop_
_entity.id
_entity.type
_entity.pdbx_description
1 polymer 'Scarecrow-like protein 3'
2 polymer 'Peptide from Zinc finger protein JACKDAW'
3 non-polymer DI(HYDROXYETHYL)ETHER
4 water water
#
loop_
_entity_poly.entity_id
_entity_poly.type
_entity_poly.pdbx_seq_one_letter_code
_entity_poly.pdbx_strand_id
1 'polypeptide(L)'
;GPMVAMFQEDNGTSSVASSPLQVFSTMSLNRPTLLASSSPFHCLKDLKPEERGLYLIHLLLTCANHVASGSLQNANAALE
QLSHLASPDGDTMQRIAAYFTEALANRILKSWPGLYKALNATQTRTNNVSEEIHVRRLFFEMFPILKVSYLLTNRAILEA
MEGEKMVHVIDLDASEPAQWLALLQAFNSRPEGPPHLRITGVHHQKEVLEQMAHRLIEEAEKLDIPFQFNPVVSRLDCLN
VEQLRVKTGEALAVSSVLQLHTFLASDDDLMRKNCALRFQNNPSGVDLQRVLMMSHGSAAEARENDMSNNNGYSPSGDSA
SSLPLPSSGRTDSFLNAIWGLSPKVMVVTEQDSDHNGSTLMERLLESLYTYAALFDCLETKVPRTSQDRIKVEKMLFGEE
IKNIISCEGFERRERHEKLEKWSQRIDLAGFGNVPLSYYAMLQARRLLQGCGFDGYRIKEESGCAVICWQDRPLYSVSAW
RCRK
;
C
2 'polypeptide(L)' SPMSATALLQKAAQMGS B
#
loop_
_chem_comp.id
_chem_comp.type
_chem_comp.name
_chem_comp.formula
PEG non-polymer DI(HYDROXYETHYL)ETHER 'C4 H10 O3'
#
# COMPACT_ATOMS: atom_id res chain seq x y z
N LEU A 47 -25.80 -7.11 25.80
CA LEU A 47 -24.97 -7.88 24.88
C LEU A 47 -23.49 -7.72 25.22
N LYS A 48 -22.84 -8.83 25.54
CA LYS A 48 -21.43 -8.80 25.92
C LYS A 48 -20.58 -8.29 24.77
N PRO A 49 -19.49 -7.56 25.06
CA PRO A 49 -18.63 -7.07 23.98
C PRO A 49 -17.95 -8.18 23.19
N GLU A 50 -17.54 -9.26 23.87
CA GLU A 50 -16.92 -10.38 23.15
C GLU A 50 -17.97 -11.17 22.37
N GLU A 51 -19.17 -11.31 22.94
CA GLU A 51 -20.27 -11.89 22.18
C GLU A 51 -20.67 -11.00 21.01
N ARG A 52 -20.51 -9.68 21.16
CA ARG A 52 -20.80 -8.76 20.07
C ARG A 52 -19.80 -8.93 18.93
N GLY A 53 -18.52 -9.12 19.26
CA GLY A 53 -17.50 -9.21 18.23
C GLY A 53 -17.65 -10.45 17.38
N LEU A 54 -17.79 -11.61 18.03
CA LEU A 54 -17.89 -12.87 17.28
C LEU A 54 -19.18 -12.92 16.46
N TYR A 55 -20.27 -12.37 17.00
CA TYR A 55 -21.51 -12.31 16.25
C TYR A 55 -21.37 -11.44 15.01
N LEU A 56 -20.55 -10.39 15.09
CA LEU A 56 -20.29 -9.55 13.93
C LEU A 56 -19.61 -10.34 12.82
N ILE A 57 -18.69 -11.24 13.20
CA ILE A 57 -17.99 -12.05 12.19
C ILE A 57 -18.97 -12.96 11.48
N HIS A 58 -19.80 -13.67 12.25
CA HIS A 58 -20.82 -14.53 11.67
C HIS A 58 -21.72 -13.76 10.71
N LEU A 59 -22.16 -12.56 11.09
CA LEU A 59 -22.99 -11.74 10.20
C LEU A 59 -22.26 -11.44 8.90
N LEU A 60 -20.96 -11.13 8.97
CA LEU A 60 -20.21 -10.79 7.77
C LEU A 60 -20.17 -11.97 6.81
N LEU A 61 -19.80 -13.15 7.30
CA LEU A 61 -19.76 -14.34 6.45
C LEU A 61 -21.16 -14.71 5.98
N THR A 62 -22.15 -14.63 6.87
CA THR A 62 -23.52 -14.98 6.49
C THR A 62 -24.03 -14.04 5.40
N CYS A 63 -23.93 -12.73 5.64
CA CYS A 63 -24.36 -11.76 4.64
C CYS A 63 -23.68 -12.00 3.30
N ALA A 64 -22.37 -12.24 3.32
CA ALA A 64 -21.63 -12.48 2.08
C ALA A 64 -22.19 -13.68 1.32
N ASN A 65 -22.60 -14.73 2.05
CA ASN A 65 -23.24 -15.86 1.39
C ASN A 65 -24.56 -15.44 0.75
N HIS A 66 -25.36 -14.66 1.46
CA HIS A 66 -26.60 -14.13 0.88
C HIS A 66 -26.31 -13.23 -0.31
N VAL A 67 -25.19 -12.50 -0.27
CA VAL A 67 -24.78 -11.71 -1.43
C VAL A 67 -24.51 -12.62 -2.62
N ALA A 68 -23.73 -13.68 -2.40
CA ALA A 68 -23.43 -14.61 -3.48
C ALA A 68 -24.69 -15.31 -3.98
N SER A 69 -25.56 -15.73 -3.05
CA SER A 69 -26.84 -16.32 -3.45
C SER A 69 -27.71 -15.30 -4.18
N GLY A 70 -27.51 -14.01 -3.93
CA GLY A 70 -28.30 -12.98 -4.58
C GLY A 70 -29.61 -12.67 -3.91
N SER A 71 -29.87 -13.21 -2.72
CA SER A 71 -31.10 -12.92 -1.99
C SER A 71 -30.97 -11.55 -1.35
N LEU A 72 -31.66 -10.55 -1.92
CA LEU A 72 -31.60 -9.22 -1.35
C LEU A 72 -32.33 -9.16 -0.02
N GLN A 73 -33.45 -9.87 0.10
CA GLN A 73 -34.20 -9.90 1.34
C GLN A 73 -33.34 -10.46 2.47
N ASN A 74 -32.68 -11.59 2.23
CA ASN A 74 -31.83 -12.20 3.26
C ASN A 74 -30.59 -11.36 3.55
N ALA A 75 -30.04 -10.71 2.52
CA ALA A 75 -28.88 -9.85 2.74
C ALA A 75 -29.26 -8.59 3.49
N ASN A 76 -30.43 -8.04 3.20
CA ASN A 76 -30.88 -6.82 3.89
C ASN A 76 -31.06 -7.06 5.38
N ALA A 77 -31.64 -8.21 5.74
CA ALA A 77 -31.82 -8.53 7.16
C ALA A 77 -30.48 -8.65 7.87
N ALA A 78 -29.50 -9.27 7.21
CA ALA A 78 -28.16 -9.37 7.79
C ALA A 78 -27.51 -7.99 7.91
N LEU A 79 -27.73 -7.13 6.92
CA LEU A 79 -27.17 -5.78 6.98
C LEU A 79 -27.83 -4.95 8.08
N GLU A 80 -29.13 -5.16 8.31
CA GLU A 80 -29.83 -4.45 9.39
C GLU A 80 -29.20 -4.77 10.75
N GLN A 81 -28.86 -6.04 10.98
CA GLN A 81 -28.22 -6.40 12.24
C GLN A 81 -26.85 -5.78 12.37
N LEU A 82 -26.07 -5.77 11.28
CA LEU A 82 -24.72 -5.22 11.33
C LEU A 82 -24.74 -3.73 11.66
N SER A 83 -25.74 -3.01 11.17
CA SER A 83 -25.78 -1.55 11.34
C SER A 83 -25.83 -1.17 12.81
N HIS A 84 -26.63 -1.88 13.61
CA HIS A 84 -26.79 -1.52 15.01
C HIS A 84 -25.59 -1.95 15.85
N LEU A 85 -24.92 -3.03 15.48
CA LEU A 85 -23.79 -3.50 16.27
C LEU A 85 -22.49 -2.81 15.86
N ALA A 86 -22.22 -2.71 14.56
CA ALA A 86 -21.00 -2.09 14.09
C ALA A 86 -21.00 -0.59 14.37
N SER A 87 -19.80 -0.02 14.43
CA SER A 87 -19.63 1.40 14.68
C SER A 87 -18.20 1.81 14.35
N PRO A 88 -18.00 2.92 13.64
CA PRO A 88 -16.64 3.40 13.40
C PRO A 88 -15.96 3.94 14.65
N ASP A 89 -16.73 4.22 15.71
CA ASP A 89 -16.17 4.69 16.96
C ASP A 89 -16.06 3.59 18.02
N GLY A 90 -16.62 2.42 17.77
CA GLY A 90 -16.60 1.33 18.73
C GLY A 90 -15.24 0.69 18.89
N ASP A 91 -15.23 -0.55 19.38
CA ASP A 91 -13.97 -1.27 19.54
C ASP A 91 -13.47 -1.74 18.17
N THR A 92 -12.39 -2.52 18.17
CA THR A 92 -11.76 -2.92 16.91
C THR A 92 -12.74 -3.67 16.01
N MET A 93 -13.47 -4.63 16.57
CA MET A 93 -14.38 -5.43 15.76
C MET A 93 -15.56 -4.60 15.26
N GLN A 94 -16.03 -3.64 16.05
CA GLN A 94 -17.10 -2.77 15.61
C GLN A 94 -16.64 -1.91 14.44
N ARG A 95 -15.40 -1.41 14.49
CA ARG A 95 -14.87 -0.60 13.40
C ARG A 95 -14.63 -1.45 12.16
N ILE A 96 -14.03 -2.63 12.33
CA ILE A 96 -13.83 -3.55 11.21
C ILE A 96 -15.16 -3.88 10.55
N ALA A 97 -16.16 -4.25 11.35
CA ALA A 97 -17.46 -4.61 10.81
C ALA A 97 -18.08 -3.44 10.05
N ALA A 98 -17.85 -2.20 10.49
CA ALA A 98 -18.46 -1.05 9.84
C ALA A 98 -17.99 -0.91 8.39
N TYR A 99 -16.69 -1.08 8.15
CA TYR A 99 -16.17 -0.88 6.81
C TYR A 99 -16.44 -2.08 5.90
N PHE A 100 -16.45 -3.29 6.46
CA PHE A 100 -16.85 -4.45 5.66
C PHE A 100 -18.35 -4.46 5.40
N THR A 101 -19.14 -3.95 6.34
CA THR A 101 -20.59 -3.86 6.11
C THR A 101 -20.90 -2.89 5.00
N GLU A 102 -20.31 -1.69 5.05
CA GLU A 102 -20.51 -0.72 3.98
C GLU A 102 -20.03 -1.27 2.64
N ALA A 103 -18.91 -2.00 2.66
CA ALA A 103 -18.39 -2.61 1.43
C ALA A 103 -19.39 -3.61 0.86
N LEU A 104 -19.89 -4.53 1.71
CA LEU A 104 -20.85 -5.52 1.26
C LEU A 104 -22.11 -4.87 0.72
N ALA A 105 -22.61 -3.85 1.41
CA ALA A 105 -23.80 -3.15 0.93
C ALA A 105 -23.54 -2.45 -0.39
N ASN A 106 -22.31 -1.98 -0.62
CA ASN A 106 -21.99 -1.37 -1.90
C ASN A 106 -21.98 -2.41 -3.02
N ARG A 107 -21.53 -3.62 -2.72
CA ARG A 107 -21.46 -4.66 -3.74
C ARG A 107 -22.86 -5.06 -4.22
N ILE A 108 -23.77 -5.32 -3.30
CA ILE A 108 -25.13 -5.67 -3.69
C ILE A 108 -25.85 -4.49 -4.33
N LEU A 109 -25.42 -3.27 -4.03
CA LEU A 109 -25.97 -2.11 -4.73
C LEU A 109 -25.58 -2.13 -6.20
N LYS A 110 -24.40 -2.66 -6.52
CA LYS A 110 -23.97 -2.77 -7.92
C LYS A 110 -24.76 -3.82 -8.68
N SER A 111 -25.48 -4.70 -7.98
CA SER A 111 -26.30 -5.70 -8.67
C SER A 111 -27.50 -5.08 -9.37
N TRP A 112 -27.82 -3.82 -9.08
CA TRP A 112 -28.88 -3.06 -9.76
C TRP A 112 -28.23 -1.82 -10.36
N PRO A 113 -27.66 -1.93 -11.56
CA PRO A 113 -26.90 -0.80 -12.11
C PRO A 113 -27.72 0.47 -12.27
N GLY A 114 -29.00 0.35 -12.61
CA GLY A 114 -29.84 1.54 -12.72
C GLY A 114 -29.96 2.27 -11.40
N LEU A 115 -30.22 1.52 -10.31
CA LEU A 115 -30.28 2.14 -8.99
C LEU A 115 -28.93 2.68 -8.56
N TYR A 116 -27.85 1.94 -8.84
CA TYR A 116 -26.52 2.38 -8.44
C TYR A 116 -26.13 3.68 -9.14
N LYS A 117 -26.33 3.75 -10.43
CA LYS A 117 -26.00 4.96 -11.17
C LYS A 117 -26.87 6.13 -10.74
N ALA A 118 -28.17 5.90 -10.63
CA ALA A 118 -29.08 6.97 -10.24
C ALA A 118 -28.70 7.57 -8.89
N LEU A 119 -28.15 6.76 -7.98
CA LEU A 119 -27.68 7.28 -6.69
C LEU A 119 -26.54 8.27 -6.84
N ASN A 120 -25.91 8.33 -8.00
CA ASN A 120 -24.83 9.29 -8.26
C ASN A 120 -25.08 10.07 -9.54
N ALA A 121 -26.34 10.19 -9.98
CA ALA A 121 -26.64 10.94 -11.20
C ALA A 121 -26.14 12.37 -11.11
N THR A 122 -26.24 12.97 -9.93
CA THR A 122 -25.68 14.30 -9.68
C THR A 122 -24.24 14.18 -9.20
N GLN A 123 -23.40 13.64 -10.08
CA GLN A 123 -22.04 13.25 -9.71
C GLN A 123 -21.30 14.41 -9.07
N THR A 124 -20.92 14.21 -7.80
CA THR A 124 -20.18 15.21 -7.03
C THR A 124 -18.70 15.13 -7.42
N ARG A 125 -18.43 15.57 -8.65
CA ARG A 125 -17.07 15.82 -9.13
C ARG A 125 -16.34 16.73 -8.17
N THR A 126 -15.26 16.24 -7.56
CA THR A 126 -14.63 17.05 -6.54
C THR A 126 -13.14 16.75 -6.46
N ASN A 127 -12.42 17.67 -5.82
CA ASN A 127 -11.00 17.52 -5.51
C ASN A 127 -10.82 17.68 -4.01
N ASN A 128 -10.22 16.67 -3.38
CA ASN A 128 -9.98 16.64 -1.93
C ASN A 128 -8.50 16.42 -1.66
N VAL A 129 -7.66 17.21 -2.32
CA VAL A 129 -6.22 16.97 -2.31
C VAL A 129 -5.65 17.19 -0.91
N SER A 130 -6.04 18.28 -0.25
CA SER A 130 -5.46 18.62 1.04
C SER A 130 -5.73 17.52 2.07
N GLU A 131 -6.94 16.99 2.09
CA GLU A 131 -7.24 15.89 3.01
C GLU A 131 -6.48 14.63 2.66
N GLU A 132 -6.30 14.35 1.36
CA GLU A 132 -5.59 13.15 0.95
C GLU A 132 -4.11 13.25 1.31
N ILE A 133 -3.51 14.43 1.16
CA ILE A 133 -2.14 14.63 1.62
C ILE A 133 -2.07 14.42 3.14
N HIS A 134 -3.08 14.90 3.86
CA HIS A 134 -3.07 14.78 5.32
C HIS A 134 -3.12 13.33 5.77
N VAL A 135 -3.96 12.51 5.14
CA VAL A 135 -4.08 11.12 5.57
C VAL A 135 -2.82 10.33 5.22
N ARG A 136 -2.16 10.67 4.11
CA ARG A 136 -0.90 10.00 3.78
C ARG A 136 0.18 10.36 4.79
N ARG A 137 0.20 11.62 5.24
CA ARG A 137 1.15 12.00 6.29
C ARG A 137 0.89 11.21 7.57
N LEU A 138 -0.39 11.01 7.90
CA LEU A 138 -0.73 10.25 9.11
C LEU A 138 -0.26 8.80 9.01
N PHE A 139 -0.48 8.16 7.85
CA PHE A 139 0.02 6.80 7.66
C PHE A 139 1.53 6.75 7.83
N PHE A 140 2.24 7.74 7.25
CA PHE A 140 3.69 7.79 7.37
C PHE A 140 4.14 7.93 8.82
N GLU A 141 3.36 8.62 9.66
CA GLU A 141 3.77 8.92 11.02
C GLU A 141 3.18 7.98 12.06
N MET A 142 1.99 7.44 11.83
CA MET A 142 1.38 6.53 12.79
C MET A 142 1.80 5.08 12.58
N PHE A 143 2.33 4.75 11.42
CA PHE A 143 2.83 3.41 11.12
C PHE A 143 4.29 3.48 10.69
N PRO A 144 5.07 2.44 10.99
CA PRO A 144 6.47 2.39 10.55
C PRO A 144 6.68 1.78 9.17
N ILE A 145 5.62 1.52 8.42
CA ILE A 145 5.74 0.80 7.16
C ILE A 145 6.62 1.57 6.18
N LEU A 146 6.28 2.84 5.95
CA LEU A 146 6.98 3.62 4.93
C LEU A 146 8.40 3.97 5.36
N LYS A 147 8.61 4.24 6.64
CA LYS A 147 9.96 4.53 7.13
C LYS A 147 10.89 3.35 6.90
N VAL A 148 10.42 2.13 7.18
CA VAL A 148 11.23 0.94 6.94
C VAL A 148 11.46 0.76 5.44
N SER A 149 10.40 0.89 4.64
CA SER A 149 10.54 0.78 3.19
C SER A 149 11.53 1.81 2.65
N TYR A 150 11.36 3.08 3.04
CA TYR A 150 12.27 4.12 2.57
C TYR A 150 13.71 3.83 2.96
N LEU A 151 13.93 3.41 4.20
CA LEU A 151 15.29 3.11 4.65
C LEU A 151 15.91 1.99 3.83
N LEU A 152 15.16 0.89 3.64
CA LEU A 152 15.70 -0.26 2.94
C LEU A 152 15.95 0.05 1.46
N THR A 153 15.02 0.76 0.82
CA THR A 153 15.16 1.04 -0.61
C THR A 153 16.26 2.07 -0.87
N ASN A 154 16.40 3.06 0.02
CA ASN A 154 17.48 4.03 -0.15
C ASN A 154 18.85 3.38 -0.01
N ARG A 155 18.98 2.44 0.93
CA ARG A 155 20.24 1.70 1.06
C ARG A 155 20.54 0.90 -0.19
N ALA A 156 19.52 0.23 -0.74
CA ALA A 156 19.71 -0.56 -1.96
C ALA A 156 20.10 0.34 -3.13
N ILE A 157 19.52 1.54 -3.21
CA ILE A 157 19.87 2.46 -4.28
C ILE A 157 21.29 2.97 -4.10
N LEU A 158 21.64 3.41 -2.89
CA LEU A 158 22.99 3.91 -2.63
C LEU A 158 24.04 2.87 -2.97
N GLU A 159 23.83 1.62 -2.56
CA GLU A 159 24.78 0.55 -2.86
C GLU A 159 24.81 0.23 -4.35
N ALA A 160 23.70 0.40 -5.05
CA ALA A 160 23.70 0.23 -6.50
C ALA A 160 24.40 1.38 -7.20
N MET A 161 24.40 2.57 -6.59
CA MET A 161 24.97 3.76 -7.19
C MET A 161 26.38 4.06 -6.70
N GLU A 162 27.09 3.06 -6.18
CA GLU A 162 28.47 3.25 -5.79
C GLU A 162 29.31 3.56 -7.01
N GLY A 163 30.02 4.70 -6.97
CA GLY A 163 30.90 5.11 -8.04
C GLY A 163 30.22 5.86 -9.17
N GLU A 164 28.89 5.81 -9.26
CA GLU A 164 28.19 6.50 -10.34
C GLU A 164 28.20 8.00 -10.12
N LYS A 165 28.55 8.75 -11.17
CA LYS A 165 28.54 10.20 -11.10
C LYS A 165 27.23 10.81 -11.60
N MET A 166 26.39 10.02 -12.24
CA MET A 166 25.12 10.49 -12.79
C MET A 166 24.04 9.49 -12.40
N VAL A 167 23.09 9.94 -11.57
CA VAL A 167 22.07 9.07 -11.00
C VAL A 167 20.69 9.64 -11.33
N HIS A 168 19.82 8.81 -11.88
CA HIS A 168 18.43 9.17 -12.18
C HIS A 168 17.53 8.21 -11.43
N VAL A 169 16.70 8.75 -10.54
CA VAL A 169 15.76 7.96 -9.76
C VAL A 169 14.35 8.26 -10.26
N ILE A 170 13.57 7.21 -10.48
CA ILE A 170 12.20 7.33 -10.95
C ILE A 170 11.27 6.91 -9.81
N ASP A 171 10.42 7.83 -9.36
CA ASP A 171 9.46 7.58 -8.30
C ASP A 171 8.08 7.44 -8.92
N LEU A 172 7.54 6.22 -8.89
CA LEU A 172 6.24 5.96 -9.52
C LEU A 172 5.07 6.49 -8.72
N ASP A 173 5.26 6.77 -7.43
CA ASP A 173 4.23 7.41 -6.60
C ASP A 173 4.94 8.45 -5.74
N ALA A 174 5.13 9.63 -6.30
CA ALA A 174 5.88 10.71 -5.65
C ALA A 174 4.95 11.54 -4.77
N SER A 175 4.55 10.94 -3.65
CA SER A 175 3.65 11.58 -2.70
C SER A 175 4.33 12.09 -1.44
N GLU A 176 5.30 11.36 -0.92
CA GLU A 176 5.99 11.76 0.30
C GLU A 176 7.43 12.14 0.01
N PRO A 177 7.82 13.41 0.19
CA PRO A 177 9.20 13.80 -0.09
C PRO A 177 10.21 13.30 0.94
N ALA A 178 9.76 12.74 2.06
CA ALA A 178 10.69 12.22 3.07
C ALA A 178 11.54 11.07 2.54
N GLN A 179 11.07 10.37 1.51
CA GLN A 179 11.83 9.25 0.96
C GLN A 179 13.14 9.73 0.32
N TRP A 180 13.09 10.84 -0.41
CA TRP A 180 14.27 11.32 -1.12
C TRP A 180 15.04 12.40 -0.36
N LEU A 181 14.43 13.03 0.65
CA LEU A 181 15.17 13.98 1.47
C LEU A 181 16.31 13.30 2.20
N ALA A 182 16.08 12.09 2.70
CA ALA A 182 17.14 11.34 3.36
C ALA A 182 18.20 10.89 2.35
N LEU A 183 17.78 10.43 1.17
CA LEU A 183 18.73 9.99 0.17
C LEU A 183 19.60 11.15 -0.32
N LEU A 184 19.05 12.36 -0.34
CA LEU A 184 19.85 13.53 -0.70
C LEU A 184 21.01 13.73 0.27
N GLN A 185 20.72 13.71 1.57
CA GLN A 185 21.77 13.88 2.57
C GLN A 185 22.78 12.74 2.50
N ALA A 186 22.30 11.51 2.28
CA ALA A 186 23.20 10.36 2.24
C ALA A 186 24.11 10.42 1.03
N PHE A 187 23.58 10.80 -0.13
CA PHE A 187 24.43 11.01 -1.30
C PHE A 187 25.48 12.08 -1.03
N ASN A 188 25.10 13.14 -0.32
CA ASN A 188 26.06 14.21 -0.04
C ASN A 188 27.13 13.76 0.94
N SER A 189 26.82 12.83 1.83
CA SER A 189 27.77 12.37 2.84
C SER A 189 28.66 11.23 2.36
N ARG A 190 28.35 10.61 1.23
CA ARG A 190 29.11 9.44 0.81
C ARG A 190 30.56 9.84 0.49
N PRO A 191 31.52 8.94 0.75
CA PRO A 191 32.95 9.34 0.68
C PRO A 191 33.38 9.96 -0.65
N GLU A 192 32.82 9.51 -1.77
CA GLU A 192 33.20 10.03 -3.08
C GLU A 192 32.48 11.31 -3.45
N GLY A 193 31.71 11.91 -2.53
CA GLY A 193 30.95 13.09 -2.82
C GLY A 193 29.66 12.76 -3.54
N PRO A 194 28.79 13.75 -3.71
CA PRO A 194 27.48 13.49 -4.31
C PRO A 194 27.57 13.50 -5.82
N PRO A 195 26.85 12.61 -6.49
CA PRO A 195 26.77 12.66 -7.95
C PRO A 195 25.74 13.70 -8.38
N HIS A 196 25.63 13.89 -9.69
CA HIS A 196 24.48 14.63 -10.20
C HIS A 196 23.24 13.77 -10.01
N LEU A 197 22.28 14.28 -9.24
CA LEU A 197 21.07 13.55 -8.91
C LEU A 197 19.90 14.10 -9.71
N ARG A 198 19.17 13.20 -10.38
CA ARG A 198 17.93 13.54 -11.06
C ARG A 198 16.83 12.64 -10.53
N ILE A 199 15.69 13.23 -10.19
CA ILE A 199 14.54 12.49 -9.68
C ILE A 199 13.35 12.82 -10.55
N THR A 200 12.70 11.79 -11.07
CA THR A 200 11.48 11.93 -11.87
C THR A 200 10.30 11.47 -11.01
N GLY A 201 9.38 12.40 -10.72
CA GLY A 201 8.25 12.12 -9.87
C GLY A 201 6.97 11.96 -10.67
N VAL A 202 6.28 10.84 -10.46
CA VAL A 202 5.04 10.53 -11.14
C VAL A 202 3.90 10.58 -10.14
N HIS A 203 2.88 11.37 -10.43
CA HIS A 203 1.69 11.46 -9.61
C HIS A 203 0.57 12.04 -10.47
N HIS A 204 -0.67 11.82 -10.02
CA HIS A 204 -1.84 12.28 -10.75
C HIS A 204 -2.36 13.63 -10.27
N GLN A 205 -1.69 14.25 -9.29
CA GLN A 205 -2.13 15.52 -8.73
C GLN A 205 -0.96 16.49 -8.74
N LYS A 206 -1.16 17.65 -9.36
CA LYS A 206 -0.09 18.65 -9.47
C LYS A 206 0.37 19.13 -8.09
N GLU A 207 -0.59 19.40 -7.21
CA GLU A 207 -0.25 19.95 -5.89
C GLU A 207 0.70 19.05 -5.12
N VAL A 208 0.57 17.73 -5.29
CA VAL A 208 1.49 16.80 -4.63
C VAL A 208 2.89 16.95 -5.22
N LEU A 209 2.98 17.11 -6.54
CA LEU A 209 4.28 17.26 -7.18
C LEU A 209 4.89 18.63 -6.90
N GLU A 210 4.07 19.65 -6.75
CA GLU A 210 4.57 20.98 -6.43
C GLU A 210 5.22 21.01 -5.05
N GLN A 211 4.59 20.38 -4.07
CA GLN A 211 5.15 20.37 -2.71
C GLN A 211 6.44 19.56 -2.66
N MET A 212 6.46 18.39 -3.31
CA MET A 212 7.69 17.60 -3.33
C MET A 212 8.82 18.34 -4.04
N ALA A 213 8.52 18.89 -5.22
CA ALA A 213 9.53 19.64 -5.97
C ALA A 213 10.09 20.79 -5.14
N HIS A 214 9.21 21.55 -4.49
CA HIS A 214 9.67 22.68 -3.67
C HIS A 214 10.56 22.20 -2.54
N ARG A 215 10.16 21.11 -1.87
CA ARG A 215 10.93 20.65 -0.71
C ARG A 215 12.26 20.04 -1.14
N LEU A 216 12.27 19.31 -2.26
CA LEU A 216 13.50 18.68 -2.70
C LEU A 216 14.51 19.71 -3.22
N ILE A 217 14.05 20.67 -4.01
CA ILE A 217 14.97 21.71 -4.51
C ILE A 217 15.50 22.54 -3.36
N GLU A 218 14.65 22.83 -2.37
CA GLU A 218 15.08 23.61 -1.21
C GLU A 218 16.18 22.90 -0.43
N GLU A 219 16.04 21.59 -0.25
CA GLU A 219 17.05 20.84 0.49
C GLU A 219 18.32 20.67 -0.34
N ALA A 220 18.17 20.38 -1.63
CA ALA A 220 19.34 20.21 -2.49
C ALA A 220 20.13 21.50 -2.62
N GLU A 221 19.44 22.64 -2.65
CA GLU A 221 20.13 23.93 -2.68
C GLU A 221 20.89 24.16 -1.39
N LYS A 222 20.34 23.72 -0.25
CA LYS A 222 21.07 23.82 1.01
C LYS A 222 22.22 22.82 1.06
N LEU A 223 22.02 21.62 0.51
CA LEU A 223 23.05 20.60 0.51
C LEU A 223 24.09 20.78 -0.57
N ASP A 224 23.94 21.79 -1.42
CA ASP A 224 24.88 22.07 -2.52
C ASP A 224 25.08 20.83 -3.39
N ILE A 225 23.97 20.24 -3.78
CA ILE A 225 23.95 19.05 -4.64
C ILE A 225 23.38 19.46 -6.00
N PRO A 226 24.08 19.18 -7.11
CA PRO A 226 23.48 19.39 -8.42
C PRO A 226 22.29 18.45 -8.60
N PHE A 227 21.08 19.01 -8.66
CA PHE A 227 19.88 18.21 -8.56
C PHE A 227 18.83 18.73 -9.53
N GLN A 228 18.10 17.82 -10.15
CA GLN A 228 17.02 18.17 -11.07
C GLN A 228 15.80 17.31 -10.75
N PHE A 229 14.65 17.94 -10.69
CA PHE A 229 13.37 17.26 -10.48
C PHE A 229 12.44 17.64 -11.61
N ASN A 230 12.01 16.64 -12.39
CA ASN A 230 11.02 16.86 -13.43
C ASN A 230 9.75 16.12 -13.06
N PRO A 231 8.64 16.82 -12.83
CA PRO A 231 7.39 16.14 -12.51
C PRO A 231 6.74 15.54 -13.76
N VAL A 232 5.98 14.47 -13.53
CA VAL A 232 5.21 13.82 -14.57
C VAL A 232 3.79 13.66 -14.05
N VAL A 233 2.86 14.45 -14.56
CA VAL A 233 1.46 14.39 -14.16
C VAL A 233 0.77 13.33 -15.01
N SER A 234 0.46 12.19 -14.40
CA SER A 234 -0.18 11.09 -15.11
C SER A 234 -0.64 10.04 -14.11
N ARG A 235 -1.74 9.37 -14.45
CA ARG A 235 -2.06 8.12 -13.81
C ARG A 235 -1.11 7.04 -14.31
N LEU A 236 -0.91 6.00 -13.49
CA LEU A 236 0.15 5.04 -13.79
C LEU A 236 -0.17 4.20 -15.02
N ASP A 237 -1.44 3.97 -15.31
CA ASP A 237 -1.79 3.14 -16.47
C ASP A 237 -1.50 3.86 -17.78
N CYS A 238 -1.81 5.17 -17.83
CA CYS A 238 -1.57 5.95 -19.04
C CYS A 238 -0.12 6.40 -19.17
N LEU A 239 0.73 6.10 -18.19
CA LEU A 239 2.13 6.48 -18.24
C LEU A 239 2.86 5.74 -19.36
N ASN A 240 3.62 6.47 -20.16
CA ASN A 240 4.46 5.90 -21.21
C ASN A 240 5.93 6.12 -20.86
N VAL A 241 6.79 5.23 -21.36
CA VAL A 241 8.22 5.32 -21.09
C VAL A 241 8.78 6.66 -21.57
N GLU A 242 8.28 7.15 -22.71
CA GLU A 242 8.81 8.39 -23.27
C GLU A 242 8.65 9.56 -22.32
N GLN A 243 7.57 9.58 -21.53
CA GLN A 243 7.36 10.63 -20.54
C GLN A 243 8.43 10.66 -19.45
N LEU A 244 9.07 9.52 -19.16
CA LEU A 244 10.13 9.50 -18.16
C LEU A 244 11.40 10.20 -18.63
N ARG A 245 11.63 10.28 -19.95
CA ARG A 245 12.74 11.06 -20.51
C ARG A 245 14.09 10.65 -19.93
N VAL A 246 14.33 9.35 -19.82
CA VAL A 246 15.62 8.90 -19.34
C VAL A 246 16.68 9.14 -20.41
N LYS A 247 17.82 9.69 -19.99
CA LYS A 247 18.94 9.95 -20.89
C LYS A 247 19.90 8.77 -20.88
N THR A 248 20.82 8.76 -21.84
CA THR A 248 21.77 7.66 -21.97
C THR A 248 23.02 7.97 -21.15
N GLY A 249 23.60 6.93 -20.56
CA GLY A 249 24.80 7.07 -19.77
C GLY A 249 24.60 7.40 -18.31
N GLU A 250 23.37 7.51 -17.85
CA GLU A 250 23.07 7.79 -16.45
C GLU A 250 22.52 6.53 -15.79
N ALA A 251 23.00 6.26 -14.57
CA ALA A 251 22.53 5.11 -13.82
C ALA A 251 21.11 5.35 -13.32
N LEU A 252 20.28 4.31 -13.40
CA LEU A 252 18.85 4.42 -13.19
C LEU A 252 18.40 3.52 -12.05
N ALA A 253 17.46 4.02 -11.24
CA ALA A 253 16.83 3.25 -10.18
C ALA A 253 15.33 3.52 -10.21
N VAL A 254 14.53 2.48 -10.01
CA VAL A 254 13.08 2.57 -10.05
C VAL A 254 12.53 2.16 -8.68
N SER A 255 11.65 3.00 -8.13
CA SER A 255 11.03 2.76 -6.84
C SER A 255 9.53 2.62 -7.03
N SER A 256 8.98 1.46 -6.67
CA SER A 256 7.57 1.16 -6.83
C SER A 256 6.98 0.87 -5.45
N VAL A 257 6.40 1.89 -4.83
CA VAL A 257 5.82 1.76 -3.49
C VAL A 257 4.32 1.57 -3.66
N LEU A 258 3.86 0.33 -3.46
CA LEU A 258 2.43 -0.01 -3.45
C LEU A 258 1.75 0.28 -4.78
N GLN A 259 2.48 0.15 -5.89
CA GLN A 259 1.93 0.47 -7.20
C GLN A 259 1.83 -0.73 -8.15
N LEU A 260 2.59 -1.80 -7.92
CA LEU A 260 2.63 -2.89 -8.88
C LEU A 260 1.31 -3.65 -8.94
N HIS A 261 0.67 -3.87 -7.79
CA HIS A 261 -0.58 -4.61 -7.77
C HIS A 261 -1.69 -3.91 -8.54
N THR A 262 -1.53 -2.61 -8.81
CA THR A 262 -2.52 -1.88 -9.60
C THR A 262 -2.72 -2.51 -10.97
N PHE A 263 -1.65 -3.02 -11.57
CA PHE A 263 -1.71 -3.53 -12.94
C PHE A 263 -2.37 -4.89 -13.05
N LEU A 264 -2.73 -5.54 -11.95
CA LEU A 264 -3.40 -6.83 -12.02
C LEU A 264 -4.86 -6.73 -12.41
N ALA A 265 -5.39 -5.51 -12.57
CA ALA A 265 -6.79 -5.33 -12.89
C ALA A 265 -7.05 -5.61 -14.38
N SER A 266 -8.30 -5.93 -14.68
CA SER A 266 -8.70 -6.24 -16.06
C SER A 266 -8.70 -5.00 -16.93
N SER A 327 -1.26 -13.97 -13.42
CA SER A 327 -2.65 -13.59 -13.17
C SER A 327 -3.02 -12.32 -13.91
N SER A 328 -2.10 -11.80 -14.72
CA SER A 328 -2.35 -10.59 -15.48
C SER A 328 -1.34 -10.47 -16.61
N GLY A 329 -1.71 -9.67 -17.61
CA GLY A 329 -0.82 -9.38 -18.72
C GLY A 329 -0.37 -7.93 -18.71
N ARG A 330 -1.15 -7.08 -18.05
CA ARG A 330 -0.78 -5.67 -17.93
C ARG A 330 0.46 -5.51 -17.05
N THR A 331 0.57 -6.33 -16.00
CA THR A 331 1.75 -6.27 -15.13
C THR A 331 3.00 -6.71 -15.88
N ASP A 332 2.88 -7.77 -16.69
CA ASP A 332 4.02 -8.24 -17.46
C ASP A 332 4.55 -7.16 -18.39
N SER A 333 3.65 -6.47 -19.11
CA SER A 333 4.06 -5.44 -20.04
C SER A 333 4.76 -4.29 -19.31
N PHE A 334 4.26 -3.93 -18.12
CA PHE A 334 4.88 -2.84 -17.38
C PHE A 334 6.25 -3.23 -16.86
N LEU A 335 6.37 -4.44 -16.29
CA LEU A 335 7.66 -4.91 -15.81
C LEU A 335 8.66 -5.05 -16.95
N ASN A 336 8.20 -5.53 -18.11
CA ASN A 336 9.08 -5.60 -19.28
C ASN A 336 9.44 -4.21 -19.77
N ALA A 337 8.50 -3.27 -19.71
CA ALA A 337 8.83 -1.89 -20.06
C ALA A 337 9.86 -1.32 -19.11
N ILE A 338 9.74 -1.61 -17.82
CA ILE A 338 10.77 -1.21 -16.87
C ILE A 338 12.08 -1.91 -17.18
N TRP A 339 12.01 -3.20 -17.52
CA TRP A 339 13.23 -3.96 -17.85
C TRP A 339 13.97 -3.31 -19.01
N GLY A 340 13.24 -2.88 -20.04
CA GLY A 340 13.90 -2.27 -21.20
C GLY A 340 14.62 -0.98 -20.87
N LEU A 341 14.20 -0.29 -19.80
CA LEU A 341 14.90 0.92 -19.38
C LEU A 341 16.26 0.62 -18.76
N SER A 342 16.58 -0.65 -18.55
CA SER A 342 17.83 -1.09 -17.95
C SER A 342 18.13 -0.38 -16.61
N PRO A 343 17.24 -0.49 -15.62
CA PRO A 343 17.56 0.09 -14.31
C PRO A 343 18.64 -0.71 -13.62
N LYS A 344 19.49 -0.01 -12.87
CA LYS A 344 20.51 -0.69 -12.10
C LYS A 344 19.91 -1.39 -10.88
N VAL A 345 18.80 -0.89 -10.38
CA VAL A 345 18.07 -1.55 -9.30
C VAL A 345 16.61 -1.12 -9.36
N MET A 346 15.70 -2.06 -9.10
CA MET A 346 14.29 -1.77 -8.90
C MET A 346 13.91 -2.22 -7.51
N VAL A 347 13.31 -1.34 -6.73
CA VAL A 347 12.89 -1.63 -5.36
C VAL A 347 11.38 -1.64 -5.33
N VAL A 348 10.80 -2.71 -4.78
CA VAL A 348 9.36 -2.93 -4.79
C VAL A 348 8.87 -3.08 -3.36
N THR A 349 7.90 -2.25 -2.98
CA THR A 349 7.21 -2.37 -1.72
C THR A 349 5.75 -2.68 -2.02
N GLU A 350 5.26 -3.80 -1.49
CA GLU A 350 3.92 -4.28 -1.80
C GLU A 350 3.28 -4.85 -0.55
N GLN A 351 1.95 -4.86 -0.54
CA GLN A 351 1.21 -5.59 0.48
C GLN A 351 1.55 -7.07 0.36
N ASP A 352 1.61 -7.75 1.50
CA ASP A 352 1.93 -9.16 1.55
C ASP A 352 0.72 -9.93 2.07
N SER A 353 -0.34 -9.97 1.27
CA SER A 353 -1.56 -10.68 1.61
C SER A 353 -2.24 -11.12 0.32
N ASP A 354 -2.88 -12.29 0.37
CA ASP A 354 -3.64 -12.79 -0.77
C ASP A 354 -5.04 -12.17 -0.71
N HIS A 355 -5.18 -11.00 -1.35
CA HIS A 355 -6.45 -10.32 -1.47
C HIS A 355 -6.97 -10.33 -2.90
N ASN A 356 -6.42 -11.19 -3.76
CA ASN A 356 -6.82 -11.28 -5.16
C ASN A 356 -7.47 -12.62 -5.46
N GLY A 357 -8.04 -13.26 -4.44
CA GLY A 357 -8.73 -14.52 -4.63
C GLY A 357 -9.86 -14.44 -5.64
N SER A 358 -10.24 -15.60 -6.16
CA SER A 358 -11.21 -15.64 -7.24
C SER A 358 -12.61 -15.25 -6.76
N THR A 359 -13.04 -15.78 -5.62
CA THR A 359 -14.40 -15.58 -5.14
C THR A 359 -14.44 -14.51 -4.05
N LEU A 360 -15.66 -14.02 -3.80
CA LEU A 360 -15.87 -13.02 -2.75
C LEU A 360 -15.49 -13.57 -1.39
N MET A 361 -15.91 -14.81 -1.10
CA MET A 361 -15.66 -15.39 0.22
C MET A 361 -14.17 -15.56 0.46
N GLU A 362 -13.41 -15.90 -0.58
CA GLU A 362 -11.95 -15.99 -0.45
C GLU A 362 -11.37 -14.68 0.02
N ARG A 363 -11.63 -13.60 -0.73
CA ARG A 363 -11.05 -12.30 -0.39
C ARG A 363 -11.58 -11.78 0.93
N LEU A 364 -12.83 -12.08 1.27
CA LEU A 364 -13.38 -11.63 2.55
C LEU A 364 -12.68 -12.30 3.72
N LEU A 365 -12.41 -13.61 3.61
CA LEU A 365 -11.77 -14.32 4.71
C LEU A 365 -10.38 -13.79 5.00
N GLU A 366 -9.56 -13.65 3.95
CA GLU A 366 -8.18 -13.21 4.15
C GLU A 366 -8.11 -11.74 4.55
N SER A 367 -8.88 -10.88 3.87
CA SER A 367 -8.84 -9.46 4.19
C SER A 367 -9.31 -9.17 5.60
N LEU A 368 -10.24 -10.00 6.12
CA LEU A 368 -10.66 -9.85 7.51
C LEU A 368 -9.49 -10.04 8.46
N TYR A 369 -8.63 -11.04 8.18
CA TYR A 369 -7.48 -11.29 9.04
C TYR A 369 -6.44 -10.18 8.90
N THR A 370 -6.20 -9.72 7.66
CA THR A 370 -5.17 -8.71 7.44
C THR A 370 -5.53 -7.40 8.13
N TYR A 371 -6.74 -6.90 7.89
CA TYR A 371 -7.13 -5.61 8.44
C TYR A 371 -7.50 -5.68 9.91
N ALA A 372 -7.82 -6.87 10.43
CA ALA A 372 -7.93 -7.02 11.88
C ALA A 372 -6.61 -6.73 12.56
N ALA A 373 -5.51 -7.16 11.93
CA ALA A 373 -4.18 -6.84 12.46
C ALA A 373 -3.88 -5.35 12.35
N LEU A 374 -4.15 -4.76 11.18
CA LEU A 374 -3.89 -3.33 10.99
C LEU A 374 -4.74 -2.48 11.93
N PHE A 375 -6.02 -2.81 12.06
CA PHE A 375 -6.86 -2.13 13.03
C PHE A 375 -6.45 -2.43 14.47
N ASP A 376 -5.70 -3.51 14.70
CA ASP A 376 -5.29 -3.85 16.05
C ASP A 376 -4.16 -2.94 16.53
N CYS A 377 -3.23 -2.59 15.62
CA CYS A 377 -2.16 -1.66 15.98
C CYS A 377 -2.72 -0.36 16.53
N LEU A 378 -3.65 0.26 15.79
CA LEU A 378 -4.23 1.53 16.21
C LEU A 378 -4.95 1.40 17.54
N GLU A 379 -5.58 0.26 17.79
CA GLU A 379 -6.32 0.07 19.05
C GLU A 379 -5.37 0.03 20.24
N THR A 380 -4.22 -0.61 20.08
CA THR A 380 -3.27 -0.71 21.19
C THR A 380 -2.43 0.54 21.38
N LYS A 381 -2.54 1.53 20.50
CA LYS A 381 -1.61 2.65 20.52
C LYS A 381 -2.32 4.01 20.57
N VAL A 382 -3.46 4.13 19.92
CA VAL A 382 -4.11 5.42 19.70
C VAL A 382 -5.51 5.40 20.33
N PRO A 383 -5.93 6.47 21.02
CA PRO A 383 -7.24 6.46 21.66
C PRO A 383 -8.38 6.33 20.66
N ARG A 384 -9.50 5.78 21.13
CA ARG A 384 -10.66 5.55 20.27
C ARG A 384 -11.22 6.86 19.73
N THR A 385 -11.03 7.96 20.44
CA THR A 385 -11.57 9.26 20.04
C THR A 385 -10.67 10.03 19.09
N SER A 386 -9.54 9.46 18.69
CA SER A 386 -8.58 10.18 17.86
C SER A 386 -9.15 10.37 16.45
N GLN A 387 -9.21 11.62 16.00
CA GLN A 387 -9.62 11.89 14.63
C GLN A 387 -8.59 11.40 13.62
N ASP A 388 -7.30 11.39 14.00
CA ASP A 388 -6.28 10.84 13.12
C ASP A 388 -6.53 9.37 12.84
N ARG A 389 -6.87 8.61 13.89
CA ARG A 389 -7.12 7.18 13.72
C ARG A 389 -8.31 6.92 12.80
N ILE A 390 -9.39 7.69 12.97
CA ILE A 390 -10.57 7.49 12.14
C ILE A 390 -10.28 7.82 10.69
N LYS A 391 -9.54 8.90 10.44
CA LYS A 391 -9.18 9.27 9.07
C LYS A 391 -8.42 8.13 8.38
N VAL A 392 -7.42 7.57 9.07
CA VAL A 392 -6.65 6.48 8.50
C VAL A 392 -7.55 5.26 8.29
N GLU A 393 -8.35 4.93 9.31
CA GLU A 393 -9.21 3.75 9.22
C GLU A 393 -10.23 3.87 8.09
N LYS A 394 -10.75 5.09 7.87
CA LYS A 394 -11.75 5.29 6.83
C LYS A 394 -11.13 5.56 5.46
N MET A 395 -10.33 6.62 5.36
CA MET A 395 -9.87 7.08 4.05
C MET A 395 -8.85 6.14 3.41
N LEU A 396 -8.19 5.29 4.20
CA LEU A 396 -7.19 4.37 3.67
C LEU A 396 -7.68 2.93 3.71
N PHE A 397 -7.74 2.33 4.90
CA PHE A 397 -8.15 0.93 5.00
C PHE A 397 -9.59 0.74 4.53
N GLY A 398 -10.47 1.69 4.85
CA GLY A 398 -11.85 1.58 4.41
C GLY A 398 -11.98 1.60 2.90
N GLU A 399 -11.19 2.45 2.23
CA GLU A 399 -11.23 2.50 0.77
C GLU A 399 -10.67 1.20 0.17
N GLU A 400 -9.60 0.68 0.75
CA GLU A 400 -9.04 -0.57 0.26
C GLU A 400 -9.99 -1.73 0.51
N ILE A 401 -10.58 -1.80 1.70
CA ILE A 401 -11.57 -2.84 1.99
C ILE A 401 -12.74 -2.75 1.03
N LYS A 402 -13.26 -1.54 0.83
CA LYS A 402 -14.39 -1.34 -0.08
C LYS A 402 -14.03 -1.78 -1.50
N ASN A 403 -12.80 -1.46 -1.95
CA ASN A 403 -12.41 -1.82 -3.31
C ASN A 403 -12.20 -3.32 -3.45
N ILE A 404 -11.68 -3.97 -2.40
CA ILE A 404 -11.46 -5.42 -2.46
C ILE A 404 -12.79 -6.18 -2.49
N ILE A 405 -13.81 -5.68 -1.81
CA ILE A 405 -15.02 -6.44 -1.56
C ILE A 405 -16.13 -6.10 -2.57
N SER A 406 -16.24 -4.84 -2.96
CA SER A 406 -17.38 -4.39 -3.75
C SER A 406 -17.06 -4.16 -5.23
N CYS A 407 -15.80 -4.27 -5.64
CA CYS A 407 -15.43 -3.99 -7.03
C CYS A 407 -14.99 -5.26 -7.73
N GLU A 408 -15.05 -5.22 -9.07
CA GLU A 408 -14.65 -6.33 -9.92
C GLU A 408 -14.01 -5.79 -11.19
N GLY A 409 -13.39 -6.71 -11.94
CA GLY A 409 -12.77 -6.34 -13.20
C GLY A 409 -11.66 -5.32 -13.02
N PHE A 410 -11.57 -4.40 -13.97
CA PHE A 410 -10.58 -3.33 -13.88
C PHE A 410 -10.84 -2.39 -12.71
N GLU A 411 -12.08 -2.29 -12.24
CA GLU A 411 -12.41 -1.38 -11.15
C GLU A 411 -11.76 -1.79 -9.83
N ARG A 412 -11.37 -3.06 -9.69
CA ARG A 412 -10.73 -3.54 -8.47
C ARG A 412 -9.23 -3.40 -8.63
N ARG A 413 -8.66 -2.32 -8.08
CA ARG A 413 -7.23 -2.05 -8.20
C ARG A 413 -6.42 -2.60 -7.04
N GLU A 414 -7.03 -2.79 -5.88
CA GLU A 414 -6.33 -3.26 -4.69
C GLU A 414 -6.21 -4.79 -4.70
N ARG A 415 -5.52 -5.30 -5.72
CA ARG A 415 -5.35 -6.74 -5.91
C ARG A 415 -4.02 -7.15 -5.27
N HIS A 416 -4.03 -7.22 -3.94
CA HIS A 416 -2.83 -7.56 -3.19
C HIS A 416 -2.53 -9.05 -3.32
N GLU A 417 -1.24 -9.37 -3.49
CA GLU A 417 -0.79 -10.75 -3.56
C GLU A 417 0.45 -10.89 -2.69
N LYS A 418 0.78 -12.14 -2.36
CA LYS A 418 1.90 -12.39 -1.45
C LYS A 418 3.23 -12.25 -2.17
N LEU A 419 4.30 -12.21 -1.37
CA LEU A 419 5.64 -11.95 -1.90
C LEU A 419 6.08 -13.06 -2.85
N GLU A 420 5.73 -14.31 -2.55
CA GLU A 420 6.16 -15.43 -3.39
C GLU A 420 5.63 -15.29 -4.81
N LYS A 421 4.39 -14.80 -4.96
CA LYS A 421 3.84 -14.58 -6.29
C LYS A 421 4.57 -13.46 -7.01
N TRP A 422 4.88 -12.38 -6.29
CA TRP A 422 5.58 -11.26 -6.91
C TRP A 422 6.98 -11.65 -7.38
N SER A 423 7.68 -12.47 -6.58
CA SER A 423 9.02 -12.88 -6.95
C SER A 423 9.03 -13.63 -8.28
N GLN A 424 8.16 -14.64 -8.41
CA GLN A 424 8.04 -15.35 -9.68
C GLN A 424 7.70 -14.40 -10.81
N ARG A 425 6.73 -13.53 -10.59
CA ARG A 425 6.28 -12.60 -11.62
C ARG A 425 7.41 -11.67 -12.05
N ILE A 426 8.13 -11.10 -11.08
CA ILE A 426 9.22 -10.18 -11.39
C ILE A 426 10.41 -10.92 -11.98
N ASP A 427 10.72 -12.11 -11.44
CA ASP A 427 11.86 -12.87 -11.95
C ASP A 427 11.61 -13.36 -13.37
N LEU A 428 10.36 -13.73 -13.69
CA LEU A 428 10.03 -14.11 -15.06
C LEU A 428 10.12 -12.95 -16.02
N ALA A 429 10.00 -11.71 -15.54
CA ALA A 429 10.10 -10.54 -16.40
C ALA A 429 11.55 -10.19 -16.73
N GLY A 430 12.51 -10.95 -16.25
CA GLY A 430 13.91 -10.72 -16.55
C GLY A 430 14.71 -10.07 -15.45
N PHE A 431 14.18 -10.00 -14.23
CA PHE A 431 14.89 -9.38 -13.11
C PHE A 431 15.49 -10.46 -12.21
N GLY A 432 16.65 -10.14 -11.65
CA GLY A 432 17.30 -10.98 -10.66
C GLY A 432 17.23 -10.33 -9.30
N ASN A 433 16.97 -11.14 -8.27
CA ASN A 433 16.83 -10.61 -6.93
C ASN A 433 18.17 -10.13 -6.38
N VAL A 434 18.15 -8.95 -5.76
CA VAL A 434 19.31 -8.40 -5.07
C VAL A 434 19.00 -8.41 -3.58
N PRO A 435 19.60 -9.32 -2.80
CA PRO A 435 19.25 -9.42 -1.38
C PRO A 435 19.54 -8.11 -0.65
N LEU A 436 18.64 -7.76 0.27
CA LEU A 436 18.82 -6.56 1.06
C LEU A 436 20.00 -6.71 2.01
N SER A 437 20.67 -5.59 2.29
CA SER A 437 21.85 -5.62 3.13
C SER A 437 21.51 -6.08 4.55
N TYR A 438 22.34 -6.95 5.10
CA TYR A 438 22.16 -7.41 6.48
C TYR A 438 22.07 -6.24 7.44
N TYR A 439 22.93 -5.23 7.25
CA TYR A 439 22.95 -4.11 8.18
C TYR A 439 21.86 -3.08 7.88
N ALA A 440 21.40 -3.02 6.64
CA ALA A 440 20.17 -2.26 6.37
C ALA A 440 18.98 -2.90 7.07
N MET A 441 18.93 -4.24 7.09
CA MET A 441 17.90 -4.93 7.85
C MET A 441 18.04 -4.66 9.34
N LEU A 442 19.29 -4.59 9.84
CA LEU A 442 19.50 -4.29 11.24
C LEU A 442 19.05 -2.87 11.59
N GLN A 443 19.33 -1.92 10.70
CA GLN A 443 18.88 -0.55 10.92
C GLN A 443 17.36 -0.46 10.92
N ALA A 444 16.70 -1.23 10.05
CA ALA A 444 15.25 -1.22 10.01
C ALA A 444 14.66 -1.81 11.28
N ARG A 445 15.29 -2.85 11.84
CA ARG A 445 14.82 -3.41 13.10
C ARG A 445 14.99 -2.41 14.24
N ARG A 446 16.12 -1.70 14.28
CA ARG A 446 16.33 -0.67 15.29
C ARG A 446 15.28 0.44 15.16
N LEU A 447 14.88 0.76 13.94
CA LEU A 447 13.79 1.71 13.74
C LEU A 447 12.53 1.25 14.45
N LEU A 448 12.26 -0.06 14.42
CA LEU A 448 11.07 -0.60 15.08
C LEU A 448 11.17 -0.52 16.61
N GLN A 449 12.36 -0.31 17.15
CA GLN A 449 12.53 -0.05 18.57
C GLN A 449 12.16 1.37 18.95
N GLY A 450 11.61 2.14 18.01
CA GLY A 450 11.20 3.50 18.28
C GLY A 450 9.91 3.57 19.08
N CYS A 451 9.55 4.80 19.43
CA CYS A 451 8.38 5.03 20.26
C CYS A 451 7.11 4.63 19.51
N GLY A 452 6.36 3.71 20.09
CA GLY A 452 5.09 3.27 19.52
C GLY A 452 5.20 2.28 18.39
N PHE A 453 6.37 1.68 18.16
CA PHE A 453 6.55 0.71 17.10
C PHE A 453 6.77 -0.70 17.62
N ASP A 454 6.58 -0.92 18.93
CA ASP A 454 6.65 -2.27 19.47
C ASP A 454 5.47 -3.10 18.99
N GLY A 455 5.69 -4.41 18.84
CA GLY A 455 4.74 -5.32 18.25
C GLY A 455 5.04 -5.63 16.80
N TYR A 456 5.74 -4.73 16.10
CA TYR A 456 6.15 -4.98 14.74
C TYR A 456 7.40 -5.87 14.71
N ARG A 457 7.53 -6.61 13.63
CA ARG A 457 8.69 -7.48 13.41
C ARG A 457 9.05 -7.45 11.93
N ILE A 458 10.33 -7.66 11.65
CA ILE A 458 10.83 -7.76 10.28
C ILE A 458 11.43 -9.14 10.10
N LYS A 459 10.89 -9.89 9.14
CA LYS A 459 11.36 -11.24 8.84
C LYS A 459 12.06 -11.24 7.49
N GLU A 460 13.17 -11.96 7.41
CA GLU A 460 13.91 -12.10 6.17
C GLU A 460 13.38 -13.32 5.41
N GLU A 461 13.17 -13.15 4.10
CA GLU A 461 12.64 -14.22 3.27
C GLU A 461 13.29 -14.12 1.89
N SER A 462 14.30 -14.95 1.65
CA SER A 462 14.95 -15.03 0.35
C SER A 462 15.48 -13.68 -0.11
N GLY A 463 16.28 -13.04 0.76
CA GLY A 463 16.83 -11.74 0.45
C GLY A 463 15.86 -10.58 0.50
N CYS A 464 14.64 -10.81 0.96
CA CYS A 464 13.62 -9.77 1.04
C CYS A 464 13.18 -9.58 2.48
N ALA A 465 12.50 -8.45 2.72
CA ALA A 465 12.03 -8.10 4.05
C ALA A 465 10.51 -8.17 4.08
N VAL A 466 9.98 -8.70 5.18
CA VAL A 466 8.55 -8.81 5.40
C VAL A 466 8.22 -8.10 6.71
N ILE A 467 7.45 -7.02 6.62
CA ILE A 467 7.05 -6.24 7.80
C ILE A 467 5.79 -6.86 8.37
N CYS A 468 5.87 -7.33 9.61
CA CYS A 468 4.76 -8.01 10.27
C CYS A 468 4.29 -7.21 11.48
N TRP A 469 3.00 -7.34 11.77
CA TRP A 469 2.43 -6.95 13.05
C TRP A 469 2.12 -8.23 13.82
N GLN A 470 2.72 -8.38 15.00
CA GLN A 470 2.71 -9.64 15.72
C GLN A 470 3.24 -10.74 14.81
N ASP A 471 2.39 -11.70 14.45
CA ASP A 471 2.75 -12.76 13.52
C ASP A 471 2.16 -12.58 12.13
N ARG A 472 1.39 -11.52 11.92
CA ARG A 472 0.66 -11.34 10.66
C ARG A 472 1.51 -10.55 9.67
N PRO A 473 1.83 -11.10 8.50
CA PRO A 473 2.55 -10.31 7.49
C PRO A 473 1.68 -9.19 6.95
N LEU A 474 2.31 -8.05 6.67
CA LEU A 474 1.63 -6.87 6.18
C LEU A 474 2.18 -6.36 4.86
N TYR A 475 3.50 -6.12 4.79
CA TYR A 475 4.12 -5.59 3.58
C TYR A 475 5.45 -6.26 3.35
N SER A 476 5.88 -6.26 2.09
CA SER A 476 7.17 -6.80 1.70
C SER A 476 7.99 -5.73 1.00
N VAL A 477 9.32 -5.86 1.10
CA VAL A 477 10.26 -4.97 0.41
C VAL A 477 11.30 -5.84 -0.28
N SER A 478 11.52 -5.60 -1.57
CA SER A 478 12.43 -6.44 -2.34
C SER A 478 13.14 -5.59 -3.38
N ALA A 479 14.39 -5.96 -3.67
CA ALA A 479 15.24 -5.26 -4.63
C ALA A 479 15.59 -6.18 -5.79
N TRP A 480 15.65 -5.62 -6.99
CA TRP A 480 15.82 -6.41 -8.20
C TRP A 480 16.74 -5.69 -9.18
N ARG A 481 17.50 -6.47 -9.93
CA ARG A 481 18.37 -5.99 -10.99
C ARG A 481 18.05 -6.73 -12.28
N CYS A 482 18.48 -6.16 -13.40
CA CYS A 482 18.17 -6.74 -14.70
C CYS A 482 19.09 -7.92 -14.99
N ARG A 483 18.50 -9.01 -15.48
CA ARG A 483 19.27 -10.19 -15.87
C ARG A 483 19.56 -10.15 -17.37
N LYS A 484 20.59 -10.90 -17.76
CA LYS A 484 21.01 -11.04 -19.16
C LYS A 484 21.43 -9.72 -19.78
N MET B 3 -9.05 -9.73 24.45
CA MET B 3 -10.13 -9.80 23.47
C MET B 3 -9.77 -9.07 22.18
N SER B 4 -8.65 -9.45 21.59
CA SER B 4 -8.19 -8.81 20.37
C SER B 4 -9.00 -9.32 19.18
N ALA B 5 -9.15 -8.45 18.17
CA ALA B 5 -9.91 -8.83 16.97
C ALA B 5 -9.20 -9.93 16.20
N THR B 6 -7.87 -9.88 16.14
CA THR B 6 -7.11 -10.93 15.48
C THR B 6 -7.24 -12.27 16.20
N ALA B 7 -7.57 -12.26 17.50
CA ALA B 7 -7.86 -13.49 18.20
C ALA B 7 -9.34 -13.86 18.14
N LEU B 8 -10.24 -12.88 18.02
CA LEU B 8 -11.65 -13.20 17.84
C LEU B 8 -11.87 -13.98 16.56
N LEU B 9 -11.22 -13.57 15.47
CA LEU B 9 -11.31 -14.32 14.22
C LEU B 9 -10.84 -15.76 14.41
N GLN B 10 -9.78 -15.96 15.20
CA GLN B 10 -9.28 -17.31 15.44
C GLN B 10 -10.27 -18.14 16.26
N LYS B 11 -10.92 -17.51 17.23
CA LYS B 11 -11.87 -18.24 18.07
C LYS B 11 -13.12 -18.62 17.28
N ALA B 12 -13.55 -17.77 16.36
CA ALA B 12 -14.76 -18.07 15.59
C ALA B 12 -14.48 -19.12 14.52
N ALA B 13 -13.29 -19.08 13.92
CA ALA B 13 -12.99 -19.99 12.81
C ALA B 13 -12.90 -21.44 13.26
N GLN B 14 -12.46 -21.68 14.50
CA GLN B 14 -12.33 -23.05 14.98
C GLN B 14 -13.69 -23.73 15.11
N MET B 15 -14.64 -23.05 15.77
CA MET B 15 -15.95 -23.66 16.00
C MET B 15 -16.81 -23.67 14.75
N GLY B 16 -16.58 -22.75 13.82
CA GLY B 16 -17.35 -22.70 12.59
C GLY B 16 -17.05 -23.85 11.65
C1 PEG C . -26.78 6.87 -0.36
O1 PEG C . -27.08 7.46 0.90
C2 PEG C . -25.28 6.57 -0.44
O2 PEG C . -24.97 5.97 -1.70
C3 PEG C . -23.60 5.56 -1.76
C4 PEG C . -23.36 4.78 -3.05
O4 PEG C . -23.29 5.68 -4.15
#